data_6E17
#
_entry.id   6E17
#
_cell.length_a   48.673
_cell.length_b   80.045
_cell.length_c   119.170
_cell.angle_alpha   90.00
_cell.angle_beta   92.57
_cell.angle_gamma   90.00
#
_symmetry.space_group_name_H-M   'P 1 21 1'
#
loop_
_entity.id
_entity.type
_entity.pdbx_description
1 polymer 'Cytochrome P460'
2 non-polymer 'HEME C'
3 non-polymer 'NITRIC OXIDE'
4 water water
#
_entity_poly.entity_id   1
_entity_poly.type   'polypeptide(L)'
_entity_poly.pdbx_seq_one_letter_code
;MLQFKKTLLSSIAPVLLSIVLANPVIASDAHHAHKGLNYGSFTKEHVLLTPKGYREWVFIGASVTPNELNDDKAAFPEFH
NVYIDPTSWGHWKKTGEFRDGTVIVKELAGVGSKASPSGNGYFPGEFNGIEAMVKDSKRYPERPGNWAFFGFESYEAKQG
IIQTDETCAACHKEHAAHDMVFTQFYPVLRAGKPSK
;
_entity_poly.pdbx_strand_id   A,B,C,D
#
# COMPACT_ATOMS: atom_id res chain seq x y z
N ASN A 38 26.97 31.50 -8.60
CA ASN A 38 26.54 31.24 -9.98
C ASN A 38 26.28 29.74 -10.15
N TYR A 39 25.01 29.37 -10.40
CA TYR A 39 24.63 27.95 -10.32
C TYR A 39 24.81 27.18 -11.62
N GLY A 40 24.81 27.82 -12.77
CA GLY A 40 25.15 27.09 -13.98
C GLY A 40 26.65 26.91 -14.15
N SER A 41 27.06 25.79 -14.75
CA SER A 41 28.39 25.65 -15.35
C SER A 41 28.27 25.45 -16.85
N PHE A 42 29.30 25.89 -17.59
CA PHE A 42 29.22 26.00 -19.04
C PHE A 42 30.51 25.55 -19.70
N THR A 43 30.37 24.97 -20.89
CA THR A 43 31.50 24.67 -21.76
C THR A 43 32.09 25.96 -22.35
N LYS A 44 33.20 25.79 -23.08
CA LYS A 44 33.83 26.89 -23.82
C LYS A 44 32.85 27.55 -24.77
N GLU A 45 32.01 26.75 -25.43
CA GLU A 45 31.00 27.30 -26.32
C GLU A 45 29.73 27.74 -25.58
N HIS A 46 29.79 27.89 -24.25
CA HIS A 46 28.68 28.44 -23.45
C HIS A 46 27.47 27.52 -23.41
N VAL A 47 27.69 26.21 -23.55
CA VAL A 47 26.62 25.22 -23.42
C VAL A 47 26.49 24.83 -21.94
N LEU A 48 25.24 24.72 -21.48
CA LEU A 48 25.01 24.41 -20.06
C LEU A 48 25.40 22.96 -19.77
N LEU A 49 26.37 22.79 -18.87
CA LEU A 49 26.64 21.46 -18.34
C LEU A 49 25.42 20.98 -17.57
N THR A 50 25.17 19.68 -17.63
CA THR A 50 24.00 19.08 -17.03
C THR A 50 23.90 19.48 -15.55
N PRO A 51 22.85 20.20 -15.15
CA PRO A 51 22.78 20.69 -13.76
C PRO A 51 22.77 19.55 -12.78
N LYS A 52 23.45 19.75 -11.66
CA LYS A 52 23.52 18.78 -10.58
C LYS A 52 22.93 19.38 -9.32
N GLY A 53 22.18 18.57 -8.58
CA GLY A 53 21.60 19.05 -7.35
C GLY A 53 20.51 20.09 -7.53
N TYR A 54 19.92 20.21 -8.74
CA TYR A 54 18.86 21.19 -8.93
C TYR A 54 17.61 20.84 -8.09
N ARG A 55 17.49 19.60 -7.60
CA ARG A 55 16.35 19.30 -6.75
C ARG A 55 16.47 19.95 -5.40
N GLU A 56 17.64 20.50 -5.10
CA GLU A 56 17.84 21.31 -3.91
C GLU A 56 17.77 22.81 -4.23
N TRP A 57 17.37 23.18 -5.44
CA TRP A 57 17.15 24.58 -5.76
C TRP A 57 15.75 24.98 -5.26
N VAL A 58 15.23 26.11 -5.72
CA VAL A 58 13.95 26.62 -5.22
C VAL A 58 12.84 26.20 -6.16
N PHE A 59 11.95 25.34 -5.67
CA PHE A 59 10.78 24.93 -6.46
C PHE A 59 9.84 26.13 -6.66
N ILE A 60 9.32 26.29 -7.88
CA ILE A 60 8.44 27.42 -8.17
C ILE A 60 7.07 26.99 -8.69
N GLY A 61 6.89 25.74 -9.07
CA GLY A 61 5.56 25.27 -9.41
C GLY A 61 5.60 23.93 -10.10
N ALA A 62 4.47 23.22 -10.05
CA ALA A 62 4.32 21.97 -10.76
C ALA A 62 3.03 21.96 -11.56
N SER A 63 3.11 21.49 -12.79
CA SER A 63 1.96 21.29 -13.68
C SER A 63 1.94 19.84 -14.14
N VAL A 64 0.86 19.41 -14.79
CA VAL A 64 0.83 18.06 -15.36
C VAL A 64 0.08 18.07 -16.69
N THR A 65 0.69 17.47 -17.72
CA THR A 65 0.10 17.23 -19.04
C THR A 65 0.17 15.72 -19.25
N PRO A 66 -0.84 14.98 -18.81
CA PRO A 66 -0.77 13.53 -18.94
C PRO A 66 -0.90 13.13 -20.40
N ASN A 67 -0.23 12.02 -20.75
CA ASN A 67 -0.37 11.49 -22.10
C ASN A 67 -1.84 11.22 -22.46
N GLU A 68 -2.61 10.65 -21.52
CA GLU A 68 -4.01 10.32 -21.82
C GLU A 68 -4.87 11.54 -22.12
N LEU A 69 -4.43 12.75 -21.79
CA LEU A 69 -5.21 13.92 -22.19
C LEU A 69 -4.62 14.64 -23.39
N ASN A 70 -3.64 14.03 -24.05
CA ASN A 70 -2.95 14.70 -25.15
C ASN A 70 -2.72 13.71 -26.28
N ASP A 71 -3.76 12.93 -26.59
CA ASP A 71 -3.76 12.00 -27.72
C ASP A 71 -2.66 10.96 -27.55
N ASP A 72 -2.51 10.49 -26.33
CA ASP A 72 -1.54 9.47 -25.93
C ASP A 72 -0.07 9.91 -26.06
N LYS A 73 0.20 11.17 -26.39
CA LYS A 73 1.59 11.62 -26.24
C LYS A 73 1.62 13.12 -25.96
N ALA A 74 1.89 13.46 -24.70
CA ALA A 74 2.13 14.86 -24.38
C ALA A 74 3.46 15.28 -24.99
N ALA A 75 3.57 16.55 -25.36
CA ALA A 75 4.85 17.05 -25.83
C ALA A 75 5.92 16.94 -24.75
N PHE A 76 5.54 17.14 -23.49
CA PHE A 76 6.47 17.04 -22.36
C PHE A 76 5.82 16.18 -21.30
N PRO A 77 5.94 14.87 -21.43
CA PRO A 77 5.32 13.92 -20.52
C PRO A 77 6.05 13.77 -19.17
N GLU A 78 5.34 13.84 -18.04
CA GLU A 78 3.94 14.27 -17.95
C GLU A 78 3.80 15.33 -16.81
N PHE A 79 4.16 14.95 -15.58
CA PHE A 79 4.37 15.93 -14.52
C PHE A 79 5.56 16.81 -14.86
N HIS A 80 5.45 18.10 -14.53
CA HIS A 80 6.56 19.05 -14.66
C HIS A 80 6.79 19.68 -13.29
N ASN A 81 7.96 19.43 -12.68
CA ASN A 81 8.39 20.06 -11.44
C ASN A 81 9.47 21.09 -11.77
N VAL A 82 9.22 22.35 -11.46
CA VAL A 82 10.07 23.40 -11.97
C VAL A 82 10.80 24.08 -10.82
N TYR A 83 12.06 24.43 -11.08
CA TYR A 83 13.02 24.95 -10.10
C TYR A 83 13.77 26.13 -10.69
N ILE A 84 14.07 27.11 -9.83
CA ILE A 84 14.95 28.21 -10.19
C ILE A 84 16.13 28.21 -9.21
N ASP A 85 17.31 28.57 -9.70
CA ASP A 85 18.49 28.44 -8.86
C ASP A 85 18.41 29.40 -7.67
N PRO A 86 19.00 29.02 -6.54
CA PRO A 86 18.88 29.87 -5.32
C PRO A 86 19.31 31.31 -5.52
N THR A 87 20.40 31.56 -6.26
CA THR A 87 20.86 32.93 -6.40
C THR A 87 19.86 33.77 -7.19
N SER A 88 19.34 33.24 -8.30
CA SER A 88 18.32 33.98 -9.04
C SER A 88 17.03 34.12 -8.25
N TRP A 89 16.76 33.20 -7.32
CA TRP A 89 15.60 33.36 -6.45
C TRP A 89 15.75 34.58 -5.56
N GLY A 90 16.89 34.71 -4.88
CA GLY A 90 17.15 35.91 -4.09
C GLY A 90 16.96 37.18 -4.88
N HIS A 91 17.49 37.21 -6.11
CA HIS A 91 17.31 38.40 -6.94
C HIS A 91 15.85 38.60 -7.33
N TRP A 92 15.10 37.52 -7.54
CA TRP A 92 13.70 37.71 -7.90
C TRP A 92 12.90 38.27 -6.73
N LYS A 93 13.19 37.81 -5.51
CA LYS A 93 12.48 38.32 -4.34
C LYS A 93 12.66 39.83 -4.19
N LYS A 94 13.80 40.36 -4.63
CA LYS A 94 14.06 41.79 -4.54
C LYS A 94 13.64 42.58 -5.77
N THR A 95 13.63 41.97 -6.97
CA THR A 95 13.37 42.72 -8.18
C THR A 95 12.19 42.25 -9.02
N GLY A 96 11.69 41.03 -8.82
CA GLY A 96 10.71 40.52 -9.77
C GLY A 96 11.24 40.38 -11.19
N GLU A 97 12.55 40.33 -11.37
CA GLU A 97 13.17 40.17 -12.67
C GLU A 97 14.14 39.00 -12.63
N PHE A 98 14.33 38.38 -13.79
CA PHE A 98 15.33 37.32 -13.93
C PHE A 98 16.67 37.97 -14.28
N ARG A 99 17.67 37.71 -13.44
CA ARG A 99 19.00 38.25 -13.65
C ARG A 99 19.77 37.43 -14.68
N ASP A 100 20.83 38.05 -15.24
CA ASP A 100 21.84 37.28 -15.94
C ASP A 100 22.37 36.21 -15.00
N GLY A 101 22.41 34.97 -15.49
CA GLY A 101 22.78 33.85 -14.67
C GLY A 101 21.60 33.03 -14.15
N THR A 102 20.37 33.47 -14.41
CA THR A 102 19.20 32.68 -14.03
C THR A 102 19.22 31.33 -14.73
N VAL A 103 19.16 30.25 -13.94
CA VAL A 103 18.94 28.91 -14.49
C VAL A 103 17.61 28.39 -13.95
N ILE A 104 16.73 27.97 -14.86
CA ILE A 104 15.47 27.31 -14.52
C ILE A 104 15.52 25.90 -15.08
N VAL A 105 15.19 24.93 -14.25
CA VAL A 105 15.14 23.54 -14.68
C VAL A 105 13.70 23.06 -14.59
N LYS A 106 13.19 22.51 -15.69
CA LYS A 106 11.88 21.85 -15.66
C LYS A 106 12.12 20.35 -15.67
N GLU A 107 11.73 19.66 -14.60
CA GLU A 107 11.97 18.23 -14.50
C GLU A 107 10.69 17.49 -14.84
N LEU A 108 10.81 16.53 -15.75
CA LEU A 108 9.68 15.73 -16.22
C LEU A 108 9.63 14.44 -15.44
N ALA A 109 8.41 14.04 -15.08
CA ALA A 109 8.15 12.78 -14.39
C ALA A 109 6.86 12.20 -14.97
N GLY A 110 6.71 10.89 -14.88
CA GLY A 110 5.53 10.27 -15.42
C GLY A 110 4.38 10.27 -14.43
N VAL A 111 3.18 10.08 -14.98
CA VAL A 111 2.03 9.79 -14.13
C VAL A 111 2.19 8.38 -13.59
N GLY A 112 2.16 8.25 -12.27
CA GLY A 112 2.26 6.96 -11.66
C GLY A 112 0.92 6.34 -11.30
N SER A 113 -0.12 7.16 -11.22
CA SER A 113 -1.45 6.66 -10.85
C SER A 113 -2.43 7.81 -10.86
N LYS A 114 -3.70 7.45 -10.76
CA LYS A 114 -4.78 8.39 -10.96
C LYS A 114 -5.78 8.35 -9.82
N ALA A 115 -5.52 7.60 -8.76
CA ALA A 115 -6.39 7.57 -7.60
C ALA A 115 -5.55 7.17 -6.40
N SER A 116 -5.78 7.85 -5.30
CA SER A 116 -5.04 7.54 -4.07
C SER A 116 -6.03 7.73 -2.93
N PRO A 117 -5.65 7.47 -1.69
CA PRO A 117 -6.56 7.73 -0.59
C PRO A 117 -7.09 9.16 -0.53
N SER A 118 -6.37 10.10 -1.15
CA SER A 118 -6.78 11.51 -1.14
C SER A 118 -7.80 11.84 -2.20
N GLY A 119 -8.10 10.91 -3.11
CA GLY A 119 -9.09 11.13 -4.14
C GLY A 119 -8.53 10.85 -5.51
N ASN A 120 -9.30 11.23 -6.53
CA ASN A 120 -8.92 11.00 -7.92
C ASN A 120 -8.07 12.15 -8.42
N GLY A 121 -7.20 11.86 -9.39
CA GLY A 121 -6.45 12.92 -10.02
C GLY A 121 -5.24 12.41 -10.73
N TYR A 122 -4.09 13.04 -10.51
CA TYR A 122 -2.82 12.56 -11.03
C TYR A 122 -1.74 12.64 -9.96
N PHE A 123 -0.99 11.57 -9.85
CA PHE A 123 0.05 11.38 -8.87
C PHE A 123 1.31 10.91 -9.58
N PRO A 124 2.46 11.48 -9.25
CA PRO A 124 3.66 11.25 -10.07
C PRO A 124 4.18 9.83 -9.89
N GLY A 125 4.95 9.41 -10.91
CA GLY A 125 5.64 8.14 -10.88
C GLY A 125 7.14 8.33 -10.84
N GLU A 126 7.80 8.07 -11.96
CA GLU A 126 9.26 8.08 -12.06
C GLU A 126 9.71 9.27 -12.89
N PHE A 127 10.96 9.66 -12.66
CA PHE A 127 11.55 10.76 -13.40
C PHE A 127 11.77 10.35 -14.85
N ASN A 128 11.50 11.29 -15.77
CA ASN A 128 11.72 11.10 -17.20
C ASN A 128 12.86 11.93 -17.78
N GLY A 129 13.16 13.10 -17.26
CA GLY A 129 14.22 13.92 -17.84
C GLY A 129 14.02 15.38 -17.48
N ILE A 130 14.83 16.22 -18.10
CA ILE A 130 14.84 17.64 -17.78
C ILE A 130 14.89 18.49 -19.03
N GLU A 131 14.32 19.69 -18.93
CA GLU A 131 14.58 20.82 -19.81
C GLU A 131 15.17 21.93 -18.95
N ALA A 132 15.84 22.88 -19.57
CA ALA A 132 16.40 23.98 -18.81
C ALA A 132 16.47 25.19 -19.71
N MET A 133 16.51 26.36 -19.07
CA MET A 133 16.72 27.57 -19.82
C MET A 133 17.62 28.45 -18.98
N VAL A 134 18.51 29.17 -19.64
CA VAL A 134 19.48 30.03 -18.97
C VAL A 134 19.40 31.40 -19.61
N LYS A 135 19.24 32.44 -18.79
CA LYS A 135 19.26 33.81 -19.26
C LYS A 135 20.63 34.40 -19.04
N ASP A 136 21.23 34.95 -20.09
CA ASP A 136 22.57 35.52 -19.97
C ASP A 136 22.82 36.41 -21.19
N SER A 137 22.77 37.74 -20.97
CA SER A 137 22.97 38.70 -22.05
C SER A 137 24.39 38.69 -22.59
N LYS A 138 25.36 38.20 -21.82
CA LYS A 138 26.75 38.11 -22.23
C LYS A 138 27.03 36.82 -23.01
N ARG A 139 26.46 35.70 -22.60
CA ARG A 139 26.67 34.44 -23.32
C ARG A 139 25.75 34.29 -24.53
N TYR A 140 24.53 34.83 -24.48
CA TYR A 140 23.52 34.61 -25.51
C TYR A 140 22.98 35.97 -25.97
N PRO A 141 23.83 36.80 -26.59
CA PRO A 141 23.41 38.18 -26.87
C PRO A 141 22.41 38.29 -28.02
N GLU A 142 22.36 37.30 -28.91
CA GLU A 142 21.43 37.33 -30.04
C GLU A 142 20.23 36.41 -29.83
N ARG A 143 20.14 35.73 -28.70
CA ARG A 143 19.01 34.85 -28.45
C ARG A 143 17.82 35.70 -28.01
N PRO A 144 16.61 35.36 -28.46
CA PRO A 144 15.43 36.11 -27.98
C PRO A 144 15.37 36.14 -26.46
N GLY A 145 15.38 37.35 -25.91
CA GLY A 145 15.40 37.55 -24.49
C GLY A 145 16.70 37.24 -23.80
N ASN A 146 17.75 36.91 -24.57
CA ASN A 146 19.03 36.47 -24.03
C ASN A 146 18.91 35.13 -23.32
N TRP A 147 17.86 34.38 -23.61
CA TRP A 147 17.64 33.08 -23.01
C TRP A 147 18.20 32.02 -23.93
N ALA A 148 18.87 31.03 -23.36
CA ALA A 148 19.24 29.83 -24.08
C ALA A 148 18.43 28.66 -23.54
N PHE A 149 17.84 27.88 -24.44
CA PHE A 149 17.07 26.72 -24.08
C PHE A 149 17.86 25.44 -24.34
N PHE A 150 17.81 24.50 -23.40
CA PHE A 150 18.61 23.29 -23.48
C PHE A 150 17.73 22.07 -23.27
N GLY A 151 17.89 21.07 -24.15
CA GLY A 151 17.40 19.74 -23.92
C GLY A 151 18.55 18.85 -23.44
N PHE A 152 18.20 17.69 -22.90
CA PHE A 152 19.18 16.78 -22.36
C PHE A 152 18.88 15.37 -22.81
N GLU A 153 19.87 14.72 -23.43
CA GLU A 153 19.67 13.39 -24.01
C GLU A 153 19.32 12.35 -22.95
N SER A 154 19.85 12.50 -21.74
CA SER A 154 19.52 11.61 -20.64
C SER A 154 20.06 12.24 -19.37
N TYR A 155 19.70 11.65 -18.23
CA TYR A 155 20.28 12.12 -16.98
C TYR A 155 21.79 11.91 -16.94
N GLU A 156 22.33 11.07 -17.82
CA GLU A 156 23.75 10.80 -17.85
C GLU A 156 24.52 11.74 -18.74
N ALA A 157 23.83 12.52 -19.57
CA ALA A 157 24.51 13.43 -20.48
C ALA A 157 25.45 14.37 -19.72
N LYS A 158 26.59 14.67 -20.35
CA LYS A 158 27.55 15.61 -19.78
C LYS A 158 27.04 17.04 -19.87
N GLN A 159 26.38 17.38 -20.97
CA GLN A 159 25.95 18.75 -21.19
C GLN A 159 24.62 18.73 -21.94
N GLY A 160 23.96 19.89 -21.94
CA GLY A 160 22.72 20.04 -22.70
C GLY A 160 22.99 20.21 -24.16
N ILE A 161 21.91 20.19 -24.94
CA ILE A 161 21.93 20.55 -26.36
C ILE A 161 21.19 21.86 -26.50
N ILE A 162 21.85 22.90 -27.02
CA ILE A 162 21.17 24.18 -27.18
C ILE A 162 20.17 24.05 -28.32
N GLN A 163 19.09 24.84 -28.25
CA GLN A 163 17.95 24.65 -29.13
C GLN A 163 17.74 25.86 -30.02
N THR A 164 17.33 25.63 -31.25
CA THR A 164 16.98 26.75 -32.12
C THR A 164 15.76 27.48 -31.56
N ASP A 165 15.65 28.77 -31.91
CA ASP A 165 14.55 29.59 -31.42
C ASP A 165 13.19 29.01 -31.77
N GLU A 166 13.08 28.36 -32.93
CA GLU A 166 11.79 27.79 -33.30
C GLU A 166 11.35 26.71 -32.31
N THR A 167 12.29 25.99 -31.70
CA THR A 167 11.90 24.78 -30.98
C THR A 167 11.37 25.06 -29.58
N CYS A 168 11.74 26.18 -28.98
CA CYS A 168 11.43 26.44 -27.58
C CYS A 168 11.04 27.90 -27.40
N ALA A 169 11.94 28.82 -27.78
CA ALA A 169 11.76 30.23 -27.48
C ALA A 169 10.53 30.81 -28.16
N ALA A 170 10.15 30.30 -29.34
CA ALA A 170 9.00 30.85 -30.04
C ALA A 170 7.74 30.73 -29.18
N CYS A 171 7.42 29.52 -28.73
CA CYS A 171 6.24 29.34 -27.90
C CYS A 171 6.34 30.10 -26.57
N HIS A 172 7.52 30.13 -25.94
CA HIS A 172 7.67 30.77 -24.63
C HIS A 172 7.55 32.29 -24.73
N LYS A 173 8.15 32.89 -25.76
CA LYS A 173 8.01 34.33 -25.94
C LYS A 173 6.57 34.69 -26.25
N GLU A 174 5.92 33.86 -27.05
CA GLU A 174 4.57 34.14 -27.49
C GLU A 174 3.59 34.18 -26.31
N HIS A 175 3.75 33.26 -25.35
CA HIS A 175 2.70 32.94 -24.38
C HIS A 175 3.07 33.09 -22.92
N ALA A 176 4.36 33.20 -22.58
CA ALA A 176 4.72 33.26 -21.18
C ALA A 176 4.43 34.65 -20.63
N ALA A 177 3.96 34.69 -19.38
CA ALA A 177 3.51 35.94 -18.79
C ALA A 177 4.64 36.93 -18.52
N HIS A 178 5.89 36.46 -18.36
CA HIS A 178 6.95 37.38 -17.94
C HIS A 178 8.28 36.89 -18.47
N ASP A 179 8.82 37.60 -19.46
CA ASP A 179 10.21 37.40 -19.86
C ASP A 179 10.45 35.95 -20.25
N MET A 180 9.54 35.41 -21.06
CA MET A 180 9.56 34.06 -21.59
C MET A 180 9.46 32.97 -20.53
N VAL A 181 9.17 33.32 -19.27
CA VAL A 181 8.92 32.34 -18.23
C VAL A 181 7.42 32.32 -17.93
N PHE A 182 6.80 31.14 -18.04
CA PHE A 182 5.36 31.01 -17.80
C PHE A 182 4.97 31.21 -16.32
N THR A 183 5.19 32.42 -15.79
CA THR A 183 4.93 32.70 -14.39
C THR A 183 3.45 32.58 -14.02
N GLN A 184 2.55 32.55 -15.00
CA GLN A 184 1.15 32.32 -14.64
C GLN A 184 0.98 30.94 -14.00
N PHE A 185 1.94 30.03 -14.17
CA PHE A 185 1.91 28.71 -13.54
C PHE A 185 2.93 28.55 -12.41
N TYR A 186 3.57 29.64 -11.95
CA TYR A 186 4.56 29.56 -10.86
C TYR A 186 4.06 30.45 -9.73
N PRO A 187 3.16 29.93 -8.89
CA PRO A 187 2.62 30.77 -7.82
C PRO A 187 3.67 31.14 -6.80
N VAL A 188 4.68 30.29 -6.59
CA VAL A 188 5.83 30.66 -5.77
C VAL A 188 6.47 31.94 -6.27
N LEU A 189 6.72 32.04 -7.57
CA LEU A 189 7.31 33.26 -8.13
C LEU A 189 6.36 34.45 -7.96
N ARG A 190 5.09 34.29 -8.37
CA ARG A 190 4.17 35.43 -8.30
C ARG A 190 3.99 35.97 -6.90
N ALA A 191 4.08 35.10 -5.87
CA ALA A 191 3.94 35.53 -4.48
C ALA A 191 5.26 36.00 -3.88
N GLY A 192 6.39 35.65 -4.48
CA GLY A 192 7.69 36.03 -3.95
C GLY A 192 8.22 37.33 -4.52
N LYS A 193 7.64 37.82 -5.61
CA LYS A 193 8.16 39.07 -6.15
C LYS A 193 7.65 40.26 -5.34
N PRO A 194 8.38 41.39 -5.36
CA PRO A 194 7.96 42.58 -4.61
C PRO A 194 6.70 43.23 -5.17
N LEU B 37 19.85 20.87 13.75
CA LEU B 37 19.29 22.17 13.38
C LEU B 37 17.81 22.07 12.98
N ASN B 38 16.91 22.43 13.88
CA ASN B 38 15.52 22.12 13.63
C ASN B 38 14.79 23.29 12.99
N TYR B 39 13.83 22.96 12.14
CA TYR B 39 13.09 23.96 11.37
C TYR B 39 11.71 24.27 11.92
N GLY B 40 11.17 23.47 12.84
CA GLY B 40 9.87 23.76 13.42
C GLY B 40 9.95 24.70 14.62
N SER B 41 9.16 25.78 14.57
CA SER B 41 8.95 26.65 15.74
C SER B 41 7.71 26.16 16.50
N PHE B 42 7.81 26.13 17.82
CA PHE B 42 6.75 25.57 18.65
C PHE B 42 6.38 26.52 19.78
N THR B 43 5.10 26.48 20.17
CA THR B 43 4.71 27.07 21.44
C THR B 43 5.26 26.21 22.58
N LYS B 44 4.95 26.60 23.81
CA LYS B 44 5.32 25.76 24.94
C LYS B 44 4.48 24.50 24.99
N GLU B 45 3.21 24.58 24.60
CA GLU B 45 2.37 23.40 24.53
C GLU B 45 2.67 22.54 23.30
N HIS B 46 3.84 22.70 22.69
CA HIS B 46 4.32 21.90 21.56
C HIS B 46 3.53 22.16 20.27
N VAL B 47 2.66 23.16 20.26
CA VAL B 47 1.93 23.49 19.05
C VAL B 47 2.88 24.12 18.04
N LEU B 48 2.88 23.58 16.83
CA LEU B 48 3.69 24.10 15.74
C LEU B 48 3.21 25.49 15.31
N LEU B 49 4.12 26.46 15.33
CA LEU B 49 3.82 27.76 14.77
C LEU B 49 3.85 27.68 13.25
N THR B 50 3.04 28.52 12.61
CA THR B 50 2.83 28.50 11.17
C THR B 50 4.16 28.58 10.45
N PRO B 51 4.60 27.49 9.80
CA PRO B 51 5.91 27.49 9.14
C PRO B 51 6.11 28.70 8.23
N LYS B 52 7.29 29.29 8.31
CA LYS B 52 7.67 30.42 7.48
C LYS B 52 8.87 30.03 6.64
N GLY B 53 8.85 30.42 5.36
CA GLY B 53 9.93 30.08 4.45
C GLY B 53 9.99 28.64 4.00
N TYR B 54 8.93 27.84 4.23
CA TYR B 54 8.95 26.47 3.77
C TYR B 54 9.03 26.37 2.24
N ARG B 55 8.68 27.43 1.50
CA ARG B 55 8.86 27.40 0.05
C ARG B 55 10.34 27.40 -0.34
N GLU B 56 11.23 27.62 0.61
CA GLU B 56 12.67 27.44 0.39
C GLU B 56 13.14 26.14 1.00
N TRP B 57 12.25 25.28 1.44
CA TRP B 57 12.69 23.96 1.86
C TRP B 57 12.91 23.11 0.62
N VAL B 58 13.01 21.81 0.80
CA VAL B 58 13.35 20.90 -0.28
C VAL B 58 12.06 20.27 -0.77
N PHE B 59 11.68 20.61 -1.99
CA PHE B 59 10.48 20.08 -2.60
C PHE B 59 10.69 18.60 -2.88
N ILE B 60 9.70 17.79 -2.55
CA ILE B 60 9.83 16.34 -2.72
C ILE B 60 8.83 15.75 -3.69
N GLY B 61 7.82 16.49 -4.12
CA GLY B 61 6.92 15.99 -5.15
C GLY B 61 5.64 16.78 -5.16
N ALA B 62 4.91 16.67 -6.28
CA ALA B 62 3.61 17.33 -6.42
C ALA B 62 2.60 16.39 -7.06
N SER B 63 1.37 16.48 -6.57
CA SER B 63 0.20 15.74 -7.02
C SER B 63 -0.93 16.72 -7.24
N VAL B 64 -2.02 16.27 -7.85
CA VAL B 64 -3.19 17.12 -7.95
C VAL B 64 -4.44 16.25 -7.83
N THR B 65 -5.40 16.68 -7.01
CA THR B 65 -6.73 16.08 -6.90
C THR B 65 -7.71 17.18 -7.28
N PRO B 66 -8.01 17.35 -8.56
CA PRO B 66 -8.92 18.42 -8.98
C PRO B 66 -10.31 18.22 -8.39
N ASN B 67 -10.93 19.34 -8.01
CA ASN B 67 -12.31 19.28 -7.57
C ASN B 67 -13.19 18.54 -8.57
N GLU B 68 -12.96 18.76 -9.88
CA GLU B 68 -13.89 18.23 -10.87
C GLU B 68 -13.80 16.72 -10.97
N LEU B 69 -12.74 16.10 -10.49
CA LEU B 69 -12.68 14.65 -10.47
C LEU B 69 -13.10 14.07 -9.11
N ASN B 70 -13.56 14.92 -8.19
CA ASN B 70 -13.91 14.49 -6.83
C ASN B 70 -15.19 15.18 -6.39
N ASP B 71 -16.24 15.05 -7.23
CA ASP B 71 -17.61 15.51 -6.92
C ASP B 71 -17.65 17.00 -6.66
N ASP B 72 -16.78 17.73 -7.37
CA ASP B 72 -16.60 19.16 -7.23
C ASP B 72 -16.09 19.56 -5.86
N LYS B 73 -15.55 18.60 -5.09
CA LYS B 73 -15.07 18.96 -3.75
C LYS B 73 -14.03 17.93 -3.33
N ALA B 74 -12.79 18.12 -3.79
CA ALA B 74 -11.69 17.29 -3.35
C ALA B 74 -11.47 17.44 -1.85
N ALA B 75 -10.99 16.38 -1.21
CA ALA B 75 -10.70 16.51 0.22
C ALA B 75 -9.65 17.60 0.48
N PHE B 76 -8.63 17.67 -0.37
CA PHE B 76 -7.58 18.67 -0.24
C PHE B 76 -7.38 19.36 -1.59
N PRO B 77 -8.15 20.43 -1.86
CA PRO B 77 -8.15 21.04 -3.20
C PRO B 77 -6.95 21.95 -3.40
N GLU B 78 -6.18 21.83 -4.50
CA GLU B 78 -6.32 20.80 -5.53
C GLU B 78 -4.92 20.27 -5.86
N PHE B 79 -4.05 21.14 -6.38
CA PHE B 79 -2.64 20.84 -6.42
C PHE B 79 -2.10 20.73 -5.01
N HIS B 80 -1.11 19.84 -4.82
CA HIS B 80 -0.37 19.66 -3.57
C HIS B 80 1.11 19.72 -3.90
N ASN B 81 1.82 20.72 -3.38
CA ASN B 81 3.27 20.85 -3.52
C ASN B 81 3.87 20.55 -2.16
N VAL B 82 4.70 19.52 -2.07
CA VAL B 82 5.12 18.98 -0.78
C VAL B 82 6.61 19.29 -0.55
N TYR B 83 6.92 19.73 0.68
CA TYR B 83 8.28 20.12 1.07
C TYR B 83 8.72 19.35 2.31
N ILE B 84 10.01 19.08 2.39
CA ILE B 84 10.58 18.57 3.65
C ILE B 84 11.67 19.55 4.07
N ASP B 85 11.86 19.70 5.38
CA ASP B 85 12.79 20.73 5.85
C ASP B 85 14.23 20.34 5.49
N PRO B 86 15.10 21.32 5.30
CA PRO B 86 16.47 21.00 4.80
C PRO B 86 17.27 20.08 5.69
N THR B 87 17.17 20.23 7.02
CA THR B 87 17.95 19.35 7.89
C THR B 87 17.47 17.91 7.75
N SER B 88 16.16 17.69 7.75
CA SER B 88 15.66 16.33 7.65
C SER B 88 15.87 15.76 6.25
N TRP B 89 15.95 16.60 5.22
CA TRP B 89 16.34 16.10 3.91
C TRP B 89 17.78 15.59 3.93
N GLY B 90 18.69 16.38 4.49
CA GLY B 90 20.07 15.91 4.63
C GLY B 90 20.16 14.58 5.36
N HIS B 91 19.41 14.43 6.46
CA HIS B 91 19.39 13.15 7.17
C HIS B 91 18.77 12.04 6.34
N TRP B 92 17.76 12.37 5.52
CA TRP B 92 17.12 11.35 4.68
C TRP B 92 18.07 10.85 3.59
N LYS B 93 18.88 11.74 3.03
CA LYS B 93 19.89 11.30 2.08
C LYS B 93 20.82 10.25 2.70
N LYS B 94 21.13 10.41 3.99
CA LYS B 94 22.06 9.50 4.67
C LYS B 94 21.42 8.18 5.08
N THR B 95 20.14 8.19 5.49
CA THR B 95 19.55 7.02 6.14
C THR B 95 18.27 6.49 5.50
N GLY B 96 17.59 7.26 4.66
CA GLY B 96 16.29 6.82 4.19
C GLY B 96 15.24 6.77 5.27
N GLU B 97 15.36 7.63 6.28
CA GLU B 97 14.48 7.65 7.43
C GLU B 97 14.23 9.09 7.82
N PHE B 98 13.11 9.33 8.48
CA PHE B 98 12.72 10.65 8.94
C PHE B 98 13.21 10.85 10.37
N ARG B 99 14.13 11.78 10.57
CA ARG B 99 14.67 12.05 11.89
C ARG B 99 13.60 12.66 12.79
N ASP B 100 13.90 12.68 14.08
CA ASP B 100 13.17 13.49 15.04
C ASP B 100 13.38 14.96 14.70
N GLY B 101 12.28 15.71 14.66
CA GLY B 101 12.32 17.07 14.15
C GLY B 101 11.94 17.23 12.69
N THR B 102 11.59 16.14 11.99
CA THR B 102 11.16 16.27 10.60
C THR B 102 9.89 17.12 10.51
N VAL B 103 9.91 18.13 9.64
CA VAL B 103 8.70 18.86 9.30
C VAL B 103 8.43 18.67 7.81
N ILE B 104 7.22 18.25 7.48
CA ILE B 104 6.77 18.15 6.09
C ILE B 104 5.58 19.10 5.96
N VAL B 105 5.63 19.97 4.96
CA VAL B 105 4.54 20.88 4.66
C VAL B 105 3.95 20.46 3.34
N LYS B 106 2.63 20.31 3.30
CA LYS B 106 1.89 20.12 2.04
C LYS B 106 1.14 21.41 1.73
N GLU B 107 1.55 22.09 0.65
CA GLU B 107 0.92 23.34 0.27
C GLU B 107 -0.09 23.06 -0.82
N LEU B 108 -1.32 23.50 -0.59
CA LEU B 108 -2.43 23.31 -1.51
C LEU B 108 -2.55 24.50 -2.44
N ALA B 109 -2.86 24.24 -3.70
CA ALA B 109 -3.10 25.33 -4.63
C ALA B 109 -4.25 24.94 -5.54
N GLY B 110 -4.89 25.94 -6.12
CA GLY B 110 -5.98 25.64 -7.00
C GLY B 110 -5.53 25.19 -8.38
N VAL B 111 -6.43 24.50 -9.07
CA VAL B 111 -6.31 24.33 -10.51
C VAL B 111 -6.67 25.67 -11.15
N GLY B 112 -5.69 26.31 -11.79
CA GLY B 112 -5.91 27.59 -12.44
C GLY B 112 -6.36 27.47 -13.88
N SER B 113 -6.06 26.35 -14.53
CA SER B 113 -6.48 26.11 -15.90
C SER B 113 -6.24 24.65 -16.25
N LYS B 114 -6.78 24.27 -17.41
CA LYS B 114 -6.76 22.89 -17.88
C LYS B 114 -6.14 22.76 -19.26
N ALA B 115 -5.74 23.87 -19.87
CA ALA B 115 -5.16 23.87 -21.21
C ALA B 115 -4.15 24.99 -21.28
N SER B 116 -2.98 24.70 -21.87
CA SER B 116 -1.93 25.70 -22.01
C SER B 116 -1.19 25.40 -23.31
N PRO B 117 -0.26 26.27 -23.72
CA PRO B 117 0.51 25.96 -24.93
C PRO B 117 1.22 24.62 -24.88
N SER B 118 1.35 24.00 -23.70
CA SER B 118 2.06 22.73 -23.60
C SER B 118 1.14 21.53 -23.72
N GLY B 119 -0.18 21.76 -23.72
CA GLY B 119 -1.11 20.68 -23.83
C GLY B 119 -2.24 20.83 -22.82
N ASN B 120 -3.03 19.77 -22.73
CA ASN B 120 -4.12 19.69 -21.78
C ASN B 120 -3.64 19.02 -20.50
N GLY B 121 -4.25 19.40 -19.41
CA GLY B 121 -3.94 18.78 -18.13
C GLY B 121 -4.44 19.64 -17.01
N TYR B 122 -3.56 19.91 -16.04
CA TYR B 122 -3.87 20.80 -14.94
C TYR B 122 -2.67 21.67 -14.64
N PHE B 123 -2.95 22.94 -14.44
CA PHE B 123 -1.94 23.95 -14.22
C PHE B 123 -2.39 24.74 -13.01
N PRO B 124 -1.47 25.09 -12.12
CA PRO B 124 -1.88 25.62 -10.83
C PRO B 124 -2.35 27.04 -10.96
N GLY B 125 -3.20 27.44 -10.03
CA GLY B 125 -3.66 28.81 -9.92
C GLY B 125 -3.08 29.47 -8.69
N GLU B 126 -3.93 29.76 -7.71
CA GLU B 126 -3.56 30.48 -6.50
C GLU B 126 -3.38 29.53 -5.33
N PHE B 127 -2.63 29.99 -4.33
CA PHE B 127 -2.41 29.20 -3.12
C PHE B 127 -3.68 29.12 -2.28
N ASN B 128 -3.97 27.91 -1.77
CA ASN B 128 -5.18 27.66 -0.99
C ASN B 128 -4.95 27.44 0.49
N GLY B 129 -3.80 26.95 0.92
CA GLY B 129 -3.61 26.60 2.32
C GLY B 129 -2.49 25.58 2.46
N ILE B 130 -2.24 25.20 3.71
CA ILE B 130 -1.19 24.21 4.00
C ILE B 130 -1.71 23.17 4.98
N GLU B 131 -1.18 21.96 4.85
CA GLU B 131 -1.20 20.94 5.91
C GLU B 131 0.25 20.70 6.31
N ALA B 132 0.45 20.22 7.53
CA ALA B 132 1.82 19.92 7.94
C ALA B 132 1.81 18.72 8.85
N MET B 133 2.99 18.09 8.96
CA MET B 133 3.21 17.00 9.91
C MET B 133 4.62 17.10 10.45
N VAL B 134 4.77 16.82 11.76
CA VAL B 134 6.02 16.98 12.49
C VAL B 134 6.30 15.69 13.27
N LYS B 135 7.50 15.13 13.08
CA LYS B 135 7.90 13.92 13.78
C LYS B 135 8.71 14.30 15.02
N ASP B 136 8.30 13.81 16.19
CA ASP B 136 9.05 14.11 17.41
C ASP B 136 8.67 13.11 18.49
N SER B 137 9.53 12.12 18.73
CA SER B 137 9.23 11.02 19.66
C SER B 137 9.13 11.45 21.12
N LYS B 138 9.58 12.65 21.47
CA LYS B 138 9.45 13.18 22.83
C LYS B 138 8.27 14.14 22.99
N ARG B 139 8.03 15.04 22.02
CA ARG B 139 6.85 15.88 22.10
C ARG B 139 5.57 15.08 21.84
N TYR B 140 5.66 14.03 21.01
CA TYR B 140 4.47 13.32 20.53
C TYR B 140 4.60 11.82 20.76
N PRO B 141 4.80 11.40 22.02
CA PRO B 141 5.09 9.99 22.29
C PRO B 141 3.92 9.07 22.08
N GLU B 142 2.68 9.58 22.13
CA GLU B 142 1.49 8.75 22.04
C GLU B 142 0.79 8.80 20.68
N ARG B 143 1.33 9.54 19.71
CA ARG B 143 0.82 9.64 18.34
C ARG B 143 1.43 8.55 17.47
N PRO B 144 0.63 7.90 16.62
CA PRO B 144 1.20 6.90 15.70
C PRO B 144 2.41 7.45 14.96
N GLY B 145 3.52 6.70 15.01
CA GLY B 145 4.77 7.12 14.41
C GLY B 145 5.38 8.37 15.01
N ASN B 146 4.83 8.85 16.14
CA ASN B 146 5.26 10.10 16.78
C ASN B 146 5.11 11.31 15.85
N TRP B 147 4.15 11.26 14.94
CA TRP B 147 3.87 12.39 14.06
C TRP B 147 2.73 13.21 14.63
N ALA B 148 2.93 14.51 14.73
CA ALA B 148 1.83 15.45 14.97
C ALA B 148 1.38 16.03 13.64
N PHE B 149 0.07 15.94 13.36
CA PHE B 149 -0.53 16.53 12.15
C PHE B 149 -1.22 17.85 12.50
N PHE B 150 -1.00 18.86 11.66
CA PHE B 150 -1.48 20.22 11.88
C PHE B 150 -2.30 20.74 10.70
N GLY B 151 -3.51 21.24 10.99
CA GLY B 151 -4.25 22.06 10.06
C GLY B 151 -4.00 23.52 10.37
N PHE B 152 -4.32 24.39 9.42
CA PHE B 152 -4.06 25.82 9.58
C PHE B 152 -5.28 26.58 9.07
N GLU B 153 -5.80 27.48 9.89
CA GLU B 153 -7.09 28.08 9.55
C GLU B 153 -6.97 29.04 8.38
N SER B 154 -5.79 29.64 8.19
CA SER B 154 -5.50 30.51 7.06
C SER B 154 -4.00 30.80 7.06
N TYR B 155 -3.54 31.48 6.00
CA TYR B 155 -2.13 31.87 5.93
C TYR B 155 -1.76 32.93 6.94
N GLU B 156 -2.74 33.53 7.60
CA GLU B 156 -2.50 34.54 8.62
C GLU B 156 -2.44 33.95 10.02
N ALA B 157 -2.98 32.76 10.24
CA ALA B 157 -2.96 32.13 11.55
C ALA B 157 -1.54 32.08 12.11
N LYS B 158 -1.42 32.38 13.42
CA LYS B 158 -0.09 32.33 14.02
C LYS B 158 0.40 30.90 14.19
N GLN B 159 -0.52 29.95 14.35
CA GLN B 159 -0.10 28.62 14.73
C GLN B 159 -1.06 27.60 14.14
N GLY B 160 -0.59 26.37 14.04
CA GLY B 160 -1.44 25.31 13.57
C GLY B 160 -2.36 24.81 14.65
N ILE B 161 -3.31 23.95 14.23
CA ILE B 161 -4.20 23.26 15.14
C ILE B 161 -3.88 21.78 15.02
N ILE B 162 -3.39 21.18 16.12
CA ILE B 162 -3.04 19.77 16.11
C ILE B 162 -4.29 18.93 15.96
N GLN B 163 -4.17 17.85 15.21
CA GLN B 163 -5.32 17.08 14.79
C GLN B 163 -5.41 15.79 15.60
N THR B 164 -6.63 15.31 15.80
CA THR B 164 -6.84 14.00 16.42
C THR B 164 -6.34 12.92 15.48
N ASP B 165 -5.95 11.78 16.03
CA ASP B 165 -5.43 10.70 15.20
C ASP B 165 -6.44 10.25 14.16
N GLU B 166 -7.74 10.32 14.47
CA GLU B 166 -8.77 9.89 13.52
C GLU B 166 -8.80 10.75 12.25
N THR B 167 -8.53 12.06 12.39
CA THR B 167 -8.69 12.99 11.28
C THR B 167 -7.59 12.89 10.23
N CYS B 168 -6.35 12.53 10.61
CA CYS B 168 -5.28 12.51 9.62
C CYS B 168 -4.40 11.25 9.70
N ALA B 169 -3.90 10.93 10.89
CA ALA B 169 -2.94 9.83 11.02
C ALA B 169 -3.55 8.50 10.57
N ALA B 170 -4.83 8.28 10.83
CA ALA B 170 -5.42 6.98 10.51
C ALA B 170 -5.28 6.66 9.02
N CYS B 171 -5.58 7.64 8.17
CA CYS B 171 -5.36 7.41 6.73
C CYS B 171 -3.88 7.32 6.39
N HIS B 172 -3.05 8.21 6.93
CA HIS B 172 -1.63 8.16 6.59
C HIS B 172 -0.99 6.88 7.08
N LYS B 173 -1.26 6.52 8.35
CA LYS B 173 -0.74 5.27 8.90
C LYS B 173 -1.12 4.09 8.01
N GLU B 174 -2.33 4.08 7.49
CA GLU B 174 -2.84 2.87 6.88
C GLU B 174 -2.45 2.72 5.39
N HIS B 175 -2.08 3.80 4.69
CA HIS B 175 -1.77 3.72 3.28
C HIS B 175 -0.40 4.24 2.87
N ALA B 176 0.27 5.01 3.71
CA ALA B 176 1.54 5.60 3.30
C ALA B 176 2.62 4.53 3.14
N ALA B 177 3.46 4.69 2.11
CA ALA B 177 4.46 3.66 1.82
C ALA B 177 5.52 3.57 2.90
N HIS B 178 5.81 4.66 3.60
CA HIS B 178 6.92 4.63 4.54
C HIS B 178 6.69 5.60 5.69
N ASP B 179 6.46 5.04 6.88
CA ASP B 179 6.51 5.82 8.12
C ASP B 179 5.52 6.98 8.07
N MET B 180 4.31 6.67 7.59
CA MET B 180 3.16 7.57 7.51
C MET B 180 3.30 8.68 6.47
N VAL B 181 4.33 8.64 5.63
CA VAL B 181 4.52 9.57 4.53
C VAL B 181 4.28 8.82 3.23
N PHE B 182 3.50 9.42 2.33
CA PHE B 182 3.18 8.77 1.05
C PHE B 182 4.35 8.88 0.09
N THR B 183 5.46 8.23 0.47
CA THR B 183 6.65 8.30 -0.38
C THR B 183 6.45 7.65 -1.74
N GLN B 184 5.37 6.90 -1.96
CA GLN B 184 5.12 6.48 -3.34
C GLN B 184 4.85 7.66 -4.25
N PHE B 185 4.56 8.84 -3.69
CA PHE B 185 4.31 10.02 -4.52
C PHE B 185 5.42 11.07 -4.41
N TYR B 186 6.58 10.73 -3.81
CA TYR B 186 7.69 11.68 -3.68
C TYR B 186 8.90 11.08 -4.37
N PRO B 187 9.01 11.26 -5.69
CA PRO B 187 10.15 10.69 -6.39
C PRO B 187 11.46 11.32 -5.94
N VAL B 188 11.44 12.57 -5.51
CA VAL B 188 12.64 13.18 -4.93
C VAL B 188 13.16 12.37 -3.76
N LEU B 189 12.25 11.95 -2.85
CA LEU B 189 12.67 11.17 -1.68
C LEU B 189 13.18 9.81 -2.09
N ARG B 190 12.42 9.09 -2.93
CA ARG B 190 12.83 7.75 -3.36
C ARG B 190 14.20 7.77 -4.04
N ALA B 191 14.42 8.73 -4.95
CA ALA B 191 15.72 8.80 -5.61
C ALA B 191 16.82 9.32 -4.68
N GLY B 192 16.48 10.00 -3.60
CA GLY B 192 17.53 10.62 -2.80
C GLY B 192 17.99 9.79 -1.64
N LYS B 193 17.32 8.69 -1.36
CA LYS B 193 17.72 7.83 -0.26
C LYS B 193 18.83 6.87 -0.71
N PRO B 194 19.66 6.38 0.23
CA PRO B 194 20.75 5.50 -0.16
C PRO B 194 20.24 4.10 -0.47
N LEU C 37 -19.21 -19.79 -15.72
CA LEU C 37 -19.02 -19.84 -14.26
C LEU C 37 -17.55 -19.58 -13.83
N ASN C 38 -17.35 -18.52 -13.05
CA ASN C 38 -16.03 -18.24 -12.51
C ASN C 38 -15.67 -19.26 -11.44
N TYR C 39 -14.41 -19.71 -11.45
CA TYR C 39 -13.90 -20.60 -10.43
C TYR C 39 -13.13 -19.87 -9.35
N GLY C 40 -13.00 -18.55 -9.45
CA GLY C 40 -12.39 -17.77 -8.38
C GLY C 40 -13.42 -17.31 -7.37
N SER C 41 -13.06 -17.46 -6.09
CA SER C 41 -13.85 -16.90 -4.99
C SER C 41 -13.11 -15.69 -4.43
N PHE C 42 -13.83 -14.59 -4.21
CA PHE C 42 -13.20 -13.31 -3.98
C PHE C 42 -13.74 -12.61 -2.72
N THR C 43 -12.99 -11.61 -2.29
CA THR C 43 -13.35 -10.68 -1.23
C THR C 43 -13.97 -9.43 -1.85
N LYS C 44 -14.60 -8.62 -1.00
CA LYS C 44 -15.07 -7.31 -1.43
C LYS C 44 -13.93 -6.50 -2.03
N GLU C 45 -12.81 -6.45 -1.33
CA GLU C 45 -11.63 -5.72 -1.76
C GLU C 45 -10.98 -6.30 -2.99
N HIS C 46 -11.64 -7.23 -3.68
CA HIS C 46 -11.14 -7.86 -4.90
C HIS C 46 -9.89 -8.71 -4.64
N VAL C 47 -9.64 -9.06 -3.38
CA VAL C 47 -8.64 -10.06 -3.01
C VAL C 47 -9.23 -11.44 -3.25
N LEU C 48 -8.38 -12.41 -3.60
CA LEU C 48 -8.84 -13.75 -3.91
C LEU C 48 -8.78 -14.65 -2.66
N LEU C 49 -9.89 -15.33 -2.39
CA LEU C 49 -9.91 -16.36 -1.37
C LEU C 49 -9.12 -17.59 -1.85
N THR C 50 -8.42 -18.22 -0.93
CA THR C 50 -7.56 -19.35 -1.25
C THR C 50 -8.32 -20.43 -2.00
N PRO C 51 -7.96 -20.73 -3.25
CA PRO C 51 -8.71 -21.72 -4.02
C PRO C 51 -8.70 -23.09 -3.36
N LYS C 52 -9.78 -23.84 -3.56
CA LYS C 52 -9.86 -25.21 -3.08
C LYS C 52 -10.30 -26.10 -4.24
N GLY C 53 -9.81 -27.35 -4.22
CA GLY C 53 -10.15 -28.26 -5.29
C GLY C 53 -9.47 -27.96 -6.61
N TYR C 54 -8.50 -27.05 -6.63
CA TYR C 54 -7.76 -26.77 -7.86
C TYR C 54 -7.06 -28.01 -8.39
N ARG C 55 -6.69 -28.96 -7.51
CA ARG C 55 -6.12 -30.20 -8.01
C ARG C 55 -7.09 -30.98 -8.88
N GLU C 56 -8.37 -30.61 -8.89
CA GLU C 56 -9.32 -31.16 -9.82
C GLU C 56 -9.60 -30.21 -10.99
N TRP C 57 -8.82 -29.13 -11.11
CA TRP C 57 -8.89 -28.29 -12.31
C TRP C 57 -8.14 -28.95 -13.45
N VAL C 58 -7.76 -28.18 -14.47
CA VAL C 58 -7.14 -28.77 -15.64
C VAL C 58 -5.64 -28.54 -15.52
N PHE C 59 -4.92 -29.63 -15.43
CA PHE C 59 -3.46 -29.60 -15.42
C PHE C 59 -2.95 -29.21 -16.80
N ILE C 60 -2.07 -28.22 -16.85
CA ILE C 60 -1.50 -27.75 -18.12
C ILE C 60 0.00 -28.00 -18.24
N GLY C 61 0.70 -28.32 -17.16
CA GLY C 61 2.09 -28.71 -17.28
C GLY C 61 2.80 -28.60 -15.97
N ALA C 62 3.96 -29.28 -15.89
CA ALA C 62 4.80 -29.25 -14.70
C ALA C 62 6.27 -29.03 -15.07
N SER C 63 6.96 -28.20 -14.26
CA SER C 63 8.39 -28.01 -14.37
C SER C 63 9.03 -28.25 -13.01
N VAL C 64 10.37 -28.21 -12.96
CA VAL C 64 11.06 -28.36 -11.68
C VAL C 64 12.33 -27.53 -11.65
N THR C 65 12.41 -26.64 -10.67
CA THR C 65 13.64 -25.91 -10.36
C THR C 65 14.19 -26.43 -9.03
N PRO C 66 15.05 -27.44 -9.04
CA PRO C 66 15.58 -28.00 -7.79
C PRO C 66 16.40 -26.99 -7.01
N ASN C 67 16.28 -27.05 -5.67
CA ASN C 67 17.18 -26.27 -4.83
C ASN C 67 18.64 -26.47 -5.22
N GLU C 68 19.03 -27.70 -5.57
CA GLU C 68 20.43 -27.99 -5.76
C GLU C 68 21.01 -27.39 -7.03
N LEU C 69 20.17 -26.92 -7.95
CA LEU C 69 20.66 -26.26 -9.15
C LEU C 69 20.57 -24.74 -9.04
N ASN C 70 20.05 -24.23 -7.93
CA ASN C 70 19.86 -22.81 -7.74
C ASN C 70 20.44 -22.36 -6.42
N ASP C 71 21.71 -22.71 -6.19
CA ASP C 71 22.44 -22.32 -4.97
C ASP C 71 21.72 -22.77 -3.71
N ASP C 72 21.22 -24.01 -3.71
CA ASP C 72 20.48 -24.61 -2.59
C ASP C 72 19.33 -23.75 -2.12
N LYS C 73 18.80 -22.93 -3.02
CA LYS C 73 17.65 -22.12 -2.71
C LYS C 73 16.99 -21.65 -4.00
N ALA C 74 16.17 -22.50 -4.60
CA ALA C 74 15.36 -22.06 -5.74
C ALA C 74 14.40 -20.96 -5.29
N ALA C 75 14.07 -20.06 -6.21
CA ALA C 75 13.09 -19.02 -5.90
C ALA C 75 11.70 -19.60 -5.72
N PHE C 76 11.42 -20.76 -6.30
CA PHE C 76 10.12 -21.43 -6.13
C PHE C 76 10.40 -22.92 -6.01
N PRO C 77 10.76 -23.38 -4.80
CA PRO C 77 11.12 -24.79 -4.68
C PRO C 77 9.90 -25.66 -4.61
N GLU C 78 9.89 -26.80 -5.32
CA GLU C 78 10.87 -27.08 -6.36
C GLU C 78 10.13 -27.49 -7.64
N PHE C 79 9.44 -28.63 -7.57
CA PHE C 79 8.48 -28.95 -8.62
C PHE C 79 7.41 -27.88 -8.68
N HIS C 80 6.88 -27.68 -9.89
CA HIS C 80 5.75 -26.78 -10.12
C HIS C 80 4.67 -27.54 -10.86
N ASN C 81 3.50 -27.70 -10.23
CA ASN C 81 2.34 -28.32 -10.86
C ASN C 81 1.31 -27.23 -11.13
N VAL C 82 0.98 -27.03 -12.41
CA VAL C 82 0.24 -25.86 -12.85
C VAL C 82 -1.13 -26.29 -13.35
N TYR C 83 -2.15 -25.50 -13.00
CA TYR C 83 -3.56 -25.79 -13.25
C TYR C 83 -4.27 -24.57 -13.80
N ILE C 84 -5.19 -24.78 -14.73
CA ILE C 84 -6.13 -23.73 -15.12
C ILE C 84 -7.54 -24.19 -14.80
N ASP C 85 -8.37 -23.25 -14.35
CA ASP C 85 -9.73 -23.58 -13.95
C ASP C 85 -10.50 -24.12 -15.15
N PRO C 86 -11.48 -25.00 -14.92
CA PRO C 86 -12.06 -25.76 -16.03
C PRO C 86 -12.79 -24.93 -17.06
N THR C 87 -13.30 -23.75 -16.70
CA THR C 87 -14.05 -23.02 -17.71
C THR C 87 -13.11 -22.23 -18.61
N SER C 88 -12.10 -21.61 -18.02
CA SER C 88 -11.07 -20.98 -18.83
C SER C 88 -10.38 -21.98 -19.75
N TRP C 89 -10.23 -23.23 -19.31
CA TRP C 89 -9.80 -24.27 -20.23
C TRP C 89 -10.77 -24.39 -21.41
N GLY C 90 -12.07 -24.48 -21.11
CA GLY C 90 -13.06 -24.54 -22.19
C GLY C 90 -12.96 -23.33 -23.10
N HIS C 91 -12.84 -22.14 -22.52
CA HIS C 91 -12.69 -20.94 -23.33
C HIS C 91 -11.40 -20.97 -24.15
N TRP C 92 -10.31 -21.47 -23.56
CA TRP C 92 -9.03 -21.52 -24.26
C TRP C 92 -9.08 -22.48 -25.42
N LYS C 93 -9.73 -23.63 -25.25
CA LYS C 93 -9.86 -24.55 -26.37
C LYS C 93 -10.58 -23.92 -27.55
N LYS C 94 -11.40 -22.90 -27.28
CA LYS C 94 -12.19 -22.24 -28.33
C LYS C 94 -11.51 -21.00 -28.88
N THR C 95 -10.68 -20.31 -28.09
CA THR C 95 -10.10 -19.04 -28.53
C THR C 95 -8.59 -18.94 -28.41
N GLY C 96 -7.92 -19.85 -27.70
CA GLY C 96 -6.49 -19.68 -27.48
C GLY C 96 -6.12 -18.42 -26.73
N GLU C 97 -7.06 -17.84 -25.97
CA GLU C 97 -6.80 -16.68 -25.13
C GLU C 97 -7.33 -16.99 -23.72
N PHE C 98 -6.88 -16.19 -22.74
CA PHE C 98 -7.30 -16.37 -21.35
C PHE C 98 -8.45 -15.40 -21.09
N ARG C 99 -9.64 -15.94 -20.88
CA ARG C 99 -10.83 -15.12 -20.69
C ARG C 99 -10.73 -14.31 -19.40
N ASP C 100 -11.57 -13.27 -19.30
CA ASP C 100 -11.79 -12.64 -18.01
C ASP C 100 -12.25 -13.70 -17.02
N GLY C 101 -11.68 -13.68 -15.82
CA GLY C 101 -11.97 -14.70 -14.83
C GLY C 101 -11.08 -15.92 -14.86
N THR C 102 -10.03 -15.96 -15.69
CA THR C 102 -9.13 -17.10 -15.65
C THR C 102 -8.41 -17.13 -14.32
N VAL C 103 -8.30 -18.32 -13.74
CA VAL C 103 -7.50 -18.53 -12.54
C VAL C 103 -6.50 -19.62 -12.87
N ILE C 104 -5.23 -19.34 -12.60
CA ILE C 104 -4.16 -20.31 -12.76
C ILE C 104 -3.45 -20.44 -11.42
N VAL C 105 -3.32 -21.66 -10.94
CA VAL C 105 -2.62 -21.93 -9.69
C VAL C 105 -1.39 -22.75 -10.02
N LYS C 106 -0.26 -22.34 -9.47
CA LYS C 106 0.97 -23.10 -9.55
C LYS C 106 1.23 -23.66 -8.15
N GLU C 107 1.35 -24.97 -8.06
CA GLU C 107 1.56 -25.65 -6.79
C GLU C 107 3.00 -26.13 -6.68
N LEU C 108 3.69 -25.66 -5.64
CA LEU C 108 5.07 -26.06 -5.36
C LEU C 108 5.09 -27.37 -4.58
N ALA C 109 5.97 -28.27 -4.98
CA ALA C 109 6.25 -29.47 -4.23
C ALA C 109 7.75 -29.65 -4.24
N GLY C 110 8.27 -30.36 -3.22
CA GLY C 110 9.68 -30.57 -3.11
C GLY C 110 10.15 -31.72 -3.96
N VAL C 111 11.47 -31.82 -4.11
CA VAL C 111 12.10 -33.00 -4.69
C VAL C 111 12.15 -34.09 -3.63
N GLY C 112 11.51 -35.23 -3.90
CA GLY C 112 11.45 -36.29 -2.91
C GLY C 112 12.59 -37.28 -3.08
N SER C 113 13.04 -37.48 -4.30
CA SER C 113 14.23 -38.27 -4.58
C SER C 113 14.75 -37.89 -5.97
N LYS C 114 15.94 -38.40 -6.28
CA LYS C 114 16.57 -38.16 -7.57
C LYS C 114 16.91 -39.45 -8.29
N ALA C 115 16.47 -40.59 -7.76
CA ALA C 115 16.67 -41.88 -8.42
C ALA C 115 15.48 -42.77 -8.11
N SER C 116 15.06 -43.55 -9.10
CA SER C 116 13.89 -44.40 -8.98
C SER C 116 14.12 -45.57 -9.92
N PRO C 117 13.25 -46.58 -9.87
CA PRO C 117 13.41 -47.70 -10.82
C PRO C 117 13.26 -47.28 -12.27
N SER C 118 12.71 -46.09 -12.53
CA SER C 118 12.56 -45.63 -13.90
C SER C 118 13.80 -44.88 -14.40
N GLY C 119 14.79 -44.67 -13.53
CA GLY C 119 16.04 -44.05 -13.89
C GLY C 119 16.30 -42.85 -13.01
N ASN C 120 17.20 -41.98 -13.47
CA ASN C 120 17.64 -40.85 -12.67
C ASN C 120 16.98 -39.57 -13.13
N GLY C 121 16.69 -38.69 -12.18
CA GLY C 121 16.15 -37.39 -12.51
C GLY C 121 15.64 -36.67 -11.27
N TYR C 122 14.36 -36.32 -11.26
CA TYR C 122 13.74 -35.66 -10.13
C TYR C 122 12.33 -36.21 -9.95
N PHE C 123 11.99 -36.51 -8.70
CA PHE C 123 10.70 -37.09 -8.35
C PHE C 123 10.13 -36.32 -7.18
N PRO C 124 8.82 -36.04 -7.19
CA PRO C 124 8.26 -35.13 -6.20
C PRO C 124 8.13 -35.80 -4.83
N GLY C 125 8.05 -34.94 -3.82
CA GLY C 125 7.84 -35.38 -2.45
C GLY C 125 6.59 -34.77 -1.86
N GLU C 126 6.75 -33.69 -1.09
CA GLU C 126 5.71 -33.07 -0.31
C GLU C 126 5.37 -31.69 -0.85
N PHE C 127 4.07 -31.36 -0.82
CA PHE C 127 3.61 -30.04 -1.25
C PHE C 127 4.23 -28.93 -0.40
N ASN C 128 4.52 -27.79 -1.04
CA ASN C 128 5.15 -26.67 -0.33
C ASN C 128 4.33 -25.40 -0.30
N GLY C 129 3.33 -25.27 -1.14
CA GLY C 129 2.60 -24.02 -1.23
C GLY C 129 2.11 -23.81 -2.64
N ILE C 130 1.48 -22.67 -2.86
CA ILE C 130 0.87 -22.33 -4.14
C ILE C 130 1.20 -20.89 -4.49
N GLU C 131 1.20 -20.61 -5.79
CA GLU C 131 1.12 -19.27 -6.34
C GLU C 131 -0.09 -19.23 -7.25
N ALA C 132 -0.73 -18.06 -7.36
CA ALA C 132 -1.83 -17.96 -8.29
C ALA C 132 -1.78 -16.62 -8.99
N MET C 133 -2.53 -16.56 -10.11
CA MET C 133 -2.76 -15.34 -10.87
C MET C 133 -4.18 -15.41 -11.43
N VAL C 134 -4.84 -14.25 -11.51
CA VAL C 134 -6.21 -14.19 -11.98
C VAL C 134 -6.34 -13.01 -12.94
N LYS C 135 -6.96 -13.26 -14.09
CA LYS C 135 -7.14 -12.25 -15.12
C LYS C 135 -8.54 -11.65 -15.01
N ASP C 136 -8.62 -10.36 -14.66
CA ASP C 136 -9.91 -9.66 -14.64
C ASP C 136 -9.70 -8.23 -15.13
N SER C 137 -10.27 -7.92 -16.30
CA SER C 137 -10.16 -6.57 -16.83
C SER C 137 -11.07 -5.60 -16.07
N LYS C 138 -12.24 -6.07 -15.64
CA LYS C 138 -13.15 -5.19 -14.90
C LYS C 138 -12.61 -4.89 -13.50
N ARG C 139 -11.87 -5.81 -12.90
CA ARG C 139 -11.52 -5.77 -11.48
C ARG C 139 -10.08 -5.36 -11.21
N TYR C 140 -9.15 -5.70 -12.09
CA TYR C 140 -7.76 -5.24 -11.98
C TYR C 140 -7.42 -4.38 -13.19
N PRO C 141 -8.10 -3.23 -13.33
CA PRO C 141 -8.03 -2.50 -14.60
C PRO C 141 -6.71 -1.80 -14.85
N GLU C 142 -5.94 -1.48 -13.81
CA GLU C 142 -4.68 -0.79 -14.00
C GLU C 142 -3.48 -1.71 -13.83
N ARG C 143 -3.69 -3.00 -13.76
CA ARG C 143 -2.52 -3.87 -13.63
C ARG C 143 -2.12 -4.42 -14.99
N PRO C 144 -0.82 -4.77 -15.13
CA PRO C 144 -0.34 -5.34 -16.40
C PRO C 144 -1.12 -6.57 -16.85
N GLY C 145 -1.62 -6.53 -18.08
CA GLY C 145 -2.43 -7.63 -18.58
C GLY C 145 -3.71 -7.87 -17.83
N ASN C 146 -4.07 -6.97 -16.91
CA ASN C 146 -5.23 -7.14 -16.03
C ASN C 146 -5.13 -8.42 -15.19
N TRP C 147 -3.91 -8.87 -14.91
CA TRP C 147 -3.68 -10.00 -14.02
C TRP C 147 -3.39 -9.51 -12.61
N ALA C 148 -3.87 -10.27 -11.63
CA ALA C 148 -3.50 -10.13 -10.23
C ALA C 148 -2.68 -11.32 -9.81
N PHE C 149 -1.53 -11.08 -9.17
CA PHE C 149 -0.67 -12.16 -8.70
C PHE C 149 -0.82 -12.29 -7.18
N PHE C 150 -1.05 -13.52 -6.71
CA PHE C 150 -1.30 -13.78 -5.30
C PHE C 150 -0.29 -14.77 -4.74
N GLY C 151 0.37 -14.39 -3.65
CA GLY C 151 1.08 -15.32 -2.81
C GLY C 151 0.25 -15.70 -1.59
N PHE C 152 0.59 -16.84 -1.00
CA PHE C 152 -0.21 -17.42 0.09
C PHE C 152 0.69 -17.80 1.25
N GLU C 153 0.38 -17.24 2.44
CA GLU C 153 1.19 -17.48 3.63
C GLU C 153 1.35 -18.97 3.94
N SER C 154 0.26 -19.73 3.89
CA SER C 154 0.35 -21.19 3.88
C SER C 154 -0.99 -21.75 3.42
N TYR C 155 -1.06 -23.08 3.32
CA TYR C 155 -2.27 -23.74 2.82
C TYR C 155 -3.50 -23.45 3.67
N GLU C 156 -3.30 -23.09 4.95
CA GLU C 156 -4.39 -22.81 5.86
C GLU C 156 -4.87 -21.37 5.76
N ALA C 157 -4.11 -20.51 5.09
CA ALA C 157 -4.43 -19.09 5.03
C ALA C 157 -5.83 -18.86 4.46
N LYS C 158 -6.46 -17.77 4.89
CA LYS C 158 -7.80 -17.44 4.45
C LYS C 158 -7.81 -16.91 3.02
N GLN C 159 -6.82 -16.10 2.66
CA GLN C 159 -6.78 -15.51 1.34
C GLN C 159 -5.34 -15.34 0.89
N GLY C 160 -5.16 -15.23 -0.41
CA GLY C 160 -3.87 -14.83 -0.94
C GLY C 160 -3.64 -13.34 -0.76
N ILE C 161 -2.37 -12.97 -0.79
CA ILE C 161 -1.96 -11.58 -0.69
C ILE C 161 -1.53 -11.12 -2.07
N ILE C 162 -2.26 -10.15 -2.63
CA ILE C 162 -1.93 -9.64 -3.96
C ILE C 162 -0.56 -8.99 -3.95
N GLN C 163 0.19 -9.20 -5.04
CA GLN C 163 1.61 -8.86 -5.09
C GLN C 163 1.85 -7.59 -5.89
N THR C 164 2.93 -6.90 -5.53
CA THR C 164 3.39 -5.76 -6.31
C THR C 164 3.69 -6.20 -7.74
N ASP C 165 3.55 -5.26 -8.68
CA ASP C 165 3.89 -5.59 -10.07
C ASP C 165 5.36 -5.96 -10.19
N GLU C 166 6.23 -5.30 -9.45
CA GLU C 166 7.66 -5.60 -9.50
C GLU C 166 7.96 -7.02 -9.01
N THR C 167 7.10 -7.60 -8.17
CA THR C 167 7.43 -8.87 -7.54
C THR C 167 7.08 -10.08 -8.40
N CYS C 168 6.07 -9.96 -9.27
CA CYS C 168 5.60 -11.09 -10.04
C CYS C 168 5.40 -10.77 -11.51
N ALA C 169 4.66 -9.69 -11.77
CA ALA C 169 4.17 -9.41 -13.11
C ALA C 169 5.30 -9.03 -14.06
N ALA C 170 6.28 -8.26 -13.56
CA ALA C 170 7.37 -7.80 -14.43
C ALA C 170 8.10 -8.97 -15.07
N CYS C 171 8.41 -9.99 -14.29
CA CYS C 171 9.12 -11.14 -14.88
C CYS C 171 8.21 -11.92 -15.81
N HIS C 172 6.95 -12.08 -15.43
CA HIS C 172 5.99 -12.75 -16.29
C HIS C 172 5.78 -11.98 -17.60
N LYS C 173 5.69 -10.65 -17.54
CA LYS C 173 5.42 -9.89 -18.74
C LYS C 173 6.64 -9.89 -19.67
N GLU C 174 7.84 -9.65 -19.10
CA GLU C 174 9.03 -9.57 -19.93
C GLU C 174 9.34 -10.88 -20.65
N HIS C 175 8.93 -12.03 -20.09
CA HIS C 175 9.47 -13.31 -20.57
C HIS C 175 8.44 -14.38 -20.93
N ALA C 176 7.20 -14.29 -20.46
CA ALA C 176 6.21 -15.31 -20.83
C ALA C 176 5.86 -15.24 -22.31
N ALA C 177 5.65 -16.41 -22.91
CA ALA C 177 5.34 -16.46 -24.34
C ALA C 177 3.97 -15.88 -24.70
N HIS C 178 2.99 -15.86 -23.79
CA HIS C 178 1.65 -15.43 -24.22
C HIS C 178 0.88 -14.80 -23.09
N ASP C 179 0.61 -13.50 -23.22
CA ASP C 179 -0.28 -12.77 -22.32
C ASP C 179 0.09 -13.01 -20.86
N MET C 180 1.40 -13.01 -20.60
CA MET C 180 2.03 -13.11 -19.29
C MET C 180 1.93 -14.50 -18.66
N VAL C 181 1.51 -15.52 -19.41
CA VAL C 181 1.52 -16.91 -18.96
C VAL C 181 2.62 -17.64 -19.72
N PHE C 182 3.43 -18.43 -19.02
CA PHE C 182 4.60 -19.07 -19.63
C PHE C 182 4.18 -20.32 -20.43
N THR C 183 3.38 -20.09 -21.48
CA THR C 183 2.84 -21.21 -22.25
C THR C 183 3.93 -22.01 -22.95
N GLN C 184 5.12 -21.46 -23.11
CA GLN C 184 6.22 -22.29 -23.61
C GLN C 184 6.49 -23.48 -22.70
N PHE C 185 6.03 -23.44 -21.45
CA PHE C 185 6.14 -24.58 -20.55
C PHE C 185 4.80 -25.28 -20.29
N TYR C 186 3.74 -24.98 -21.07
CA TYR C 186 2.44 -25.63 -20.88
C TYR C 186 2.03 -26.32 -22.17
N PRO C 187 2.55 -27.53 -22.42
CA PRO C 187 2.18 -28.25 -23.65
C PRO C 187 0.71 -28.60 -23.73
N VAL C 188 0.04 -28.81 -22.59
CA VAL C 188 -1.39 -29.04 -22.61
C VAL C 188 -2.11 -27.87 -23.27
N LEU C 189 -1.72 -26.64 -22.90
CA LEU C 189 -2.32 -25.45 -23.48
C LEU C 189 -2.02 -25.37 -24.98
N ARG C 190 -0.74 -25.44 -25.37
CA ARG C 190 -0.38 -25.23 -26.77
C ARG C 190 -1.04 -26.27 -27.67
N ALA C 191 -1.14 -27.52 -27.21
CA ALA C 191 -1.86 -28.55 -27.95
C ALA C 191 -3.35 -28.34 -27.92
N GLY C 192 -3.88 -27.67 -26.91
CA GLY C 192 -5.30 -27.43 -26.79
C GLY C 192 -5.80 -26.21 -27.51
N LYS C 193 -4.87 -25.38 -27.96
CA LYS C 193 -5.15 -24.18 -28.73
C LYS C 193 -5.95 -24.55 -30.00
N PRO C 194 -6.88 -23.68 -30.44
CA PRO C 194 -7.60 -23.99 -31.68
C PRO C 194 -6.73 -23.89 -32.94
N ASN D 38 -32.78 -22.51 24.69
CA ASN D 38 -32.01 -23.53 23.97
C ASN D 38 -31.25 -23.01 22.73
N TYR D 39 -29.98 -22.62 22.90
CA TYR D 39 -29.30 -21.85 21.87
C TYR D 39 -28.53 -22.68 20.85
N GLY D 40 -28.28 -23.96 21.10
CA GLY D 40 -27.64 -24.78 20.08
C GLY D 40 -28.65 -25.28 19.05
N SER D 41 -28.21 -25.35 17.80
CA SER D 41 -28.94 -26.05 16.75
C SER D 41 -28.04 -27.14 16.18
N PHE D 42 -28.63 -28.30 15.87
CA PHE D 42 -27.85 -29.50 15.56
C PHE D 42 -28.42 -30.23 14.36
N THR D 43 -27.55 -30.96 13.65
CA THR D 43 -28.01 -31.87 12.62
C THR D 43 -28.55 -33.15 13.23
N LYS D 44 -29.10 -34.01 12.37
CA LYS D 44 -29.59 -35.32 12.77
C LYS D 44 -28.54 -36.09 13.56
N GLU D 45 -27.26 -36.00 13.15
CA GLU D 45 -26.19 -36.74 13.81
C GLU D 45 -25.64 -36.03 15.03
N HIS D 46 -26.36 -35.04 15.56
CA HIS D 46 -26.04 -34.36 16.81
C HIS D 46 -24.79 -33.50 16.73
N VAL D 47 -24.30 -33.18 15.53
CA VAL D 47 -23.19 -32.25 15.41
C VAL D 47 -23.74 -30.83 15.45
N LEU D 48 -23.06 -29.96 16.18
CA LEU D 48 -23.50 -28.57 16.31
C LEU D 48 -23.34 -27.84 14.99
N LEU D 49 -24.40 -27.16 14.55
CA LEU D 49 -24.29 -26.28 13.41
C LEU D 49 -23.64 -24.97 13.85
N THR D 50 -22.88 -24.37 12.94
CA THR D 50 -22.06 -23.21 13.26
C THR D 50 -22.90 -22.14 13.97
N PRO D 51 -22.56 -21.78 15.20
CA PRO D 51 -23.40 -20.84 15.96
C PRO D 51 -23.45 -19.48 15.29
N LYS D 52 -24.63 -18.87 15.33
CA LYS D 52 -24.83 -17.50 14.88
C LYS D 52 -25.24 -16.65 16.07
N GLY D 53 -24.79 -15.39 16.09
CA GLY D 53 -25.26 -14.49 17.13
C GLY D 53 -24.65 -14.68 18.49
N TYR D 54 -23.71 -15.62 18.65
CA TYR D 54 -23.05 -15.84 19.95
C TYR D 54 -22.36 -14.59 20.49
N ARG D 55 -22.03 -13.61 19.66
CA ARG D 55 -21.46 -12.38 20.23
C ARG D 55 -22.49 -11.59 21.02
N GLU D 56 -23.75 -11.99 20.97
CA GLU D 56 -24.80 -11.45 21.82
C GLU D 56 -25.20 -12.42 22.94
N TRP D 57 -24.48 -13.54 23.09
CA TRP D 57 -24.58 -14.35 24.28
C TRP D 57 -23.91 -13.61 25.43
N VAL D 58 -23.67 -14.29 26.54
CA VAL D 58 -23.07 -13.61 27.68
C VAL D 58 -21.59 -13.97 27.75
N PHE D 59 -20.77 -12.94 27.82
CA PHE D 59 -19.33 -13.10 27.81
C PHE D 59 -18.88 -13.44 29.22
N ILE D 60 -18.03 -14.45 29.35
CA ILE D 60 -17.59 -14.92 30.66
C ILE D 60 -16.13 -14.59 30.97
N GLY D 61 -15.32 -14.23 29.97
CA GLY D 61 -13.94 -13.86 30.22
C GLY D 61 -13.08 -14.01 28.99
N ALA D 62 -11.98 -13.25 28.98
CA ALA D 62 -11.01 -13.26 27.88
C ALA D 62 -9.59 -13.45 28.41
N SER D 63 -8.86 -14.32 27.75
CA SER D 63 -7.44 -14.57 27.92
C SER D 63 -6.73 -14.29 26.59
N VAL D 64 -5.40 -14.38 26.61
CA VAL D 64 -4.62 -14.19 25.39
C VAL D 64 -3.33 -15.01 25.47
N THR D 65 -3.14 -15.89 24.50
CA THR D 65 -1.88 -16.62 24.36
C THR D 65 -1.21 -16.13 23.07
N PRO D 66 -0.40 -15.06 23.14
CA PRO D 66 0.21 -14.53 21.92
C PRO D 66 1.11 -15.56 21.26
N ASN D 67 1.11 -15.52 19.92
CA ASN D 67 2.06 -16.33 19.17
C ASN D 67 3.50 -16.09 19.64
N GLU D 68 3.84 -14.83 19.96
CA GLU D 68 5.23 -14.53 20.24
C GLU D 68 5.69 -15.12 21.57
N LEU D 69 4.76 -15.43 22.48
CA LEU D 69 5.09 -16.02 23.76
C LEU D 69 4.97 -17.54 23.73
N ASN D 70 4.82 -18.14 22.55
CA ASN D 70 4.63 -19.58 22.41
C ASN D 70 5.34 -20.07 21.16
N ASP D 71 6.56 -19.56 20.94
CA ASP D 71 7.44 -20.04 19.85
C ASP D 71 6.85 -19.74 18.48
N ASP D 72 6.31 -18.52 18.33
CA ASP D 72 5.69 -18.01 17.12
C ASP D 72 4.46 -18.82 16.67
N LYS D 73 3.94 -19.71 17.51
CA LYS D 73 2.78 -20.53 17.11
C LYS D 73 2.03 -20.98 18.38
N ALA D 74 1.13 -20.12 18.86
CA ALA D 74 0.27 -20.54 19.96
C ALA D 74 -0.69 -21.62 19.49
N ALA D 75 -1.15 -22.42 20.46
CA ALA D 75 -2.09 -23.48 20.15
C ALA D 75 -3.39 -22.90 19.61
N PHE D 76 -3.85 -21.78 20.20
CA PHE D 76 -5.07 -21.11 19.77
C PHE D 76 -4.74 -19.63 19.63
N PRO D 77 -4.36 -19.19 18.43
CA PRO D 77 -4.01 -17.78 18.29
C PRO D 77 -5.23 -16.87 18.23
N GLU D 78 -5.28 -15.79 19.01
CA GLU D 78 -4.32 -15.47 20.05
C GLU D 78 -5.10 -15.04 21.27
N PHE D 79 -5.84 -13.95 21.11
CA PHE D 79 -6.87 -13.58 22.07
C PHE D 79 -7.99 -14.62 22.06
N HIS D 80 -8.57 -14.87 23.23
CA HIS D 80 -9.73 -15.74 23.37
C HIS D 80 -10.84 -14.97 24.06
N ASN D 81 -11.95 -14.76 23.35
CA ASN D 81 -13.17 -14.18 23.89
C ASN D 81 -14.19 -15.30 24.01
N VAL D 82 -14.70 -15.53 25.21
CA VAL D 82 -15.45 -16.73 25.52
C VAL D 82 -16.88 -16.35 25.90
N TYR D 83 -17.85 -17.11 25.41
CA TYR D 83 -19.26 -16.86 25.66
C TYR D 83 -19.98 -18.14 26.10
N ILE D 84 -20.98 -17.97 26.98
CA ILE D 84 -21.92 -19.02 27.31
C ILE D 84 -23.30 -18.57 26.86
N ASP D 85 -24.09 -19.50 26.33
CA ASP D 85 -25.43 -19.13 25.85
C ASP D 85 -26.26 -18.58 27.00
N PRO D 86 -27.19 -17.65 26.72
CA PRO D 86 -27.88 -16.96 27.82
C PRO D 86 -28.78 -17.84 28.66
N THR D 87 -29.29 -18.95 28.12
CA THR D 87 -30.16 -19.80 28.91
C THR D 87 -29.35 -20.56 29.94
N SER D 88 -28.20 -21.08 29.52
CA SER D 88 -27.29 -21.77 30.42
C SER D 88 -26.63 -20.83 31.42
N TRP D 89 -26.58 -19.54 31.11
CA TRP D 89 -26.12 -18.59 32.11
C TRP D 89 -27.19 -18.35 33.17
N GLY D 90 -28.46 -18.26 32.76
CA GLY D 90 -29.55 -18.21 33.71
C GLY D 90 -29.49 -19.37 34.70
N HIS D 91 -29.33 -20.59 34.18
CA HIS D 91 -29.20 -21.77 35.04
C HIS D 91 -27.98 -21.65 35.94
N TRP D 92 -26.86 -21.19 35.39
CA TRP D 92 -25.63 -21.03 36.18
C TRP D 92 -25.84 -20.04 37.33
N LYS D 93 -26.55 -18.94 37.07
CA LYS D 93 -26.80 -18.00 38.16
C LYS D 93 -27.67 -18.63 39.25
N LYS D 94 -28.44 -19.66 38.92
CA LYS D 94 -29.26 -20.36 39.90
C LYS D 94 -28.52 -21.53 40.54
N THR D 95 -27.76 -22.29 39.75
CA THR D 95 -27.21 -23.55 40.24
C THR D 95 -25.70 -23.58 40.35
N GLY D 96 -24.98 -22.74 39.62
CA GLY D 96 -23.54 -22.87 39.60
C GLY D 96 -23.04 -24.13 38.93
N GLU D 97 -23.84 -24.75 38.06
CA GLU D 97 -23.39 -25.87 37.24
C GLU D 97 -23.87 -25.64 35.80
N PHE D 98 -23.52 -26.57 34.92
CA PHE D 98 -23.80 -26.44 33.50
C PHE D 98 -24.93 -27.38 33.11
N ARG D 99 -26.06 -26.81 32.67
CA ARG D 99 -27.22 -27.59 32.31
C ARG D 99 -26.99 -28.37 31.02
N ASP D 100 -27.84 -29.36 30.78
CA ASP D 100 -27.92 -29.91 29.44
C ASP D 100 -28.37 -28.79 28.50
N GLY D 101 -27.72 -28.70 27.34
CA GLY D 101 -27.93 -27.60 26.43
C GLY D 101 -26.91 -26.48 26.52
N THR D 102 -25.93 -26.55 27.42
CA THR D 102 -24.95 -25.48 27.54
C THR D 102 -24.10 -25.41 26.28
N VAL D 103 -24.02 -24.21 25.72
CA VAL D 103 -23.12 -23.97 24.59
C VAL D 103 -22.10 -22.93 25.03
N ILE D 104 -20.83 -23.30 24.97
CA ILE D 104 -19.72 -22.40 25.20
C ILE D 104 -19.02 -22.20 23.88
N VAL D 105 -18.85 -20.95 23.48
CA VAL D 105 -18.10 -20.60 22.27
C VAL D 105 -16.84 -19.84 22.69
N LYS D 106 -15.70 -20.26 22.15
CA LYS D 106 -14.44 -19.57 22.37
C LYS D 106 -14.04 -18.91 21.05
N GLU D 107 -14.09 -17.59 21.02
CA GLU D 107 -13.81 -16.83 19.80
C GLU D 107 -12.34 -16.39 19.80
N LEU D 108 -11.61 -16.77 18.76
CA LEU D 108 -10.21 -16.40 18.61
C LEU D 108 -10.06 -15.10 17.84
N ALA D 109 -9.15 -14.25 18.31
CA ALA D 109 -8.76 -13.03 17.61
C ALA D 109 -7.25 -12.90 17.65
N GLY D 110 -6.70 -12.25 16.63
CA GLY D 110 -5.28 -11.97 16.64
C GLY D 110 -4.92 -10.83 17.57
N VAL D 111 -3.63 -10.74 17.86
CA VAL D 111 -3.05 -9.56 18.50
C VAL D 111 -2.94 -8.45 17.46
N GLY D 112 -3.46 -7.28 17.78
CA GLY D 112 -3.43 -6.16 16.86
C GLY D 112 -2.29 -5.20 17.10
N SER D 113 -1.88 -5.05 18.35
CA SER D 113 -0.73 -4.23 18.69
C SER D 113 -0.35 -4.55 20.14
N LYS D 114 0.84 -4.08 20.53
CA LYS D 114 1.36 -4.31 21.86
C LYS D 114 1.56 -3.03 22.66
N ALA D 115 1.15 -1.88 22.11
CA ALA D 115 1.20 -0.64 22.87
C ALA D 115 0.08 0.27 22.40
N SER D 116 -0.46 1.05 23.34
CA SER D 116 -1.50 1.99 22.97
C SER D 116 -1.38 3.13 23.95
N PRO D 117 -2.20 4.19 23.86
CA PRO D 117 -2.13 5.24 24.89
C PRO D 117 -2.43 4.75 26.30
N SER D 118 -2.97 3.55 26.47
CA SER D 118 -3.23 3.05 27.82
C SER D 118 -2.05 2.28 28.39
N GLY D 119 -0.99 2.06 27.60
CA GLY D 119 0.20 1.40 28.08
C GLY D 119 0.59 0.25 27.17
N ASN D 120 1.58 -0.51 27.63
CA ASN D 120 2.08 -1.66 26.91
C ASN D 120 1.20 -2.85 27.22
N GLY D 121 1.22 -3.84 26.32
CA GLY D 121 0.45 -5.03 26.61
C GLY D 121 0.00 -5.77 25.38
N TYR D 122 -1.27 -6.16 25.33
CA TYR D 122 -1.81 -6.81 24.14
C TYR D 122 -3.21 -6.30 23.84
N PHE D 123 -3.41 -5.88 22.59
CA PHE D 123 -4.69 -5.38 22.14
C PHE D 123 -5.13 -6.15 20.91
N PRO D 124 -6.43 -6.45 20.78
CA PRO D 124 -6.86 -7.41 19.76
C PRO D 124 -6.84 -6.79 18.38
N GLY D 125 -6.77 -7.66 17.38
CA GLY D 125 -6.89 -7.27 16.00
C GLY D 125 -8.14 -7.83 15.35
N GLU D 126 -7.97 -8.85 14.50
CA GLU D 126 -9.03 -9.37 13.66
C GLU D 126 -9.46 -10.75 14.14
N PHE D 127 -10.70 -11.08 13.86
CA PHE D 127 -11.26 -12.37 14.28
C PHE D 127 -10.57 -13.51 13.54
N ASN D 128 -10.28 -14.59 14.26
CA ASN D 128 -9.54 -15.73 13.74
C ASN D 128 -10.35 -16.99 13.55
N GLY D 129 -11.36 -17.24 14.37
CA GLY D 129 -12.02 -18.53 14.37
C GLY D 129 -12.78 -18.72 15.66
N ILE D 130 -13.35 -19.90 15.80
CA ILE D 130 -14.12 -20.24 17.00
C ILE D 130 -13.84 -21.68 17.39
N GLU D 131 -13.91 -21.91 18.69
CA GLU D 131 -14.05 -23.25 19.25
C GLU D 131 -15.37 -23.32 20.02
N ALA D 132 -15.91 -24.52 20.15
CA ALA D 132 -17.14 -24.66 20.93
C ALA D 132 -17.14 -25.93 21.76
N MET D 133 -17.85 -25.86 22.87
CA MET D 133 -18.26 -27.00 23.68
C MET D 133 -19.76 -26.99 23.86
N VAL D 134 -20.37 -28.17 23.77
CA VAL D 134 -21.80 -28.34 24.10
C VAL D 134 -21.96 -29.53 25.05
N LYS D 135 -22.62 -29.31 26.19
CA LYS D 135 -22.90 -30.36 27.15
C LYS D 135 -24.31 -30.90 26.94
N ASP D 136 -24.43 -32.22 26.80
CA ASP D 136 -25.76 -32.83 26.61
C ASP D 136 -25.68 -34.31 27.00
N SER D 137 -26.32 -34.67 28.13
CA SER D 137 -26.44 -36.08 28.52
C SER D 137 -27.09 -36.90 27.42
N LYS D 138 -28.09 -36.34 26.74
CA LYS D 138 -28.87 -37.12 25.79
C LYS D 138 -28.15 -37.34 24.47
N ARG D 139 -27.47 -36.31 23.96
CA ARG D 139 -26.80 -36.46 22.67
C ARG D 139 -25.41 -37.06 22.78
N TYR D 140 -24.71 -36.85 23.90
CA TYR D 140 -23.35 -37.34 24.06
C TYR D 140 -23.23 -38.13 25.37
N PRO D 141 -23.99 -39.22 25.50
CA PRO D 141 -23.99 -39.95 26.77
C PRO D 141 -22.66 -40.63 27.08
N GLU D 142 -21.88 -40.99 26.06
CA GLU D 142 -20.66 -41.77 26.22
C GLU D 142 -19.41 -40.94 25.94
N ARG D 143 -19.37 -39.71 26.44
CA ARG D 143 -18.22 -38.85 26.28
C ARG D 143 -17.91 -38.16 27.60
N PRO D 144 -16.62 -37.89 27.88
CA PRO D 144 -16.24 -37.27 29.16
C PRO D 144 -17.08 -36.05 29.49
N GLY D 145 -17.74 -36.07 30.64
CA GLY D 145 -18.57 -34.97 31.09
C GLY D 145 -19.84 -34.75 30.31
N ASN D 146 -20.11 -35.59 29.30
CA ASN D 146 -21.21 -35.42 28.34
C ASN D 146 -21.03 -34.17 27.47
N TRP D 147 -19.77 -33.73 27.29
CA TRP D 147 -19.45 -32.59 26.45
C TRP D 147 -19.03 -33.07 25.08
N ALA D 148 -19.42 -32.31 24.06
CA ALA D 148 -18.92 -32.48 22.71
C ALA D 148 -18.16 -31.22 22.34
N PHE D 149 -16.92 -31.39 21.88
CA PHE D 149 -16.06 -30.29 21.48
C PHE D 149 -16.09 -30.19 19.97
N PHE D 150 -16.25 -28.97 19.45
CA PHE D 150 -16.28 -28.76 18.01
C PHE D 150 -15.24 -27.74 17.58
N GLY D 151 -14.54 -28.07 16.50
CA GLY D 151 -13.82 -27.10 15.69
C GLY D 151 -14.60 -26.73 14.45
N PHE D 152 -14.16 -25.64 13.81
CA PHE D 152 -14.85 -25.09 12.65
C PHE D 152 -13.81 -24.72 11.59
N GLU D 153 -14.04 -25.18 10.36
CA GLU D 153 -13.15 -24.94 9.24
C GLU D 153 -13.14 -23.48 8.78
N SER D 154 -14.21 -22.75 9.03
CA SER D 154 -14.30 -21.35 8.64
C SER D 154 -15.59 -20.80 9.21
N TYR D 155 -15.65 -19.47 9.30
CA TYR D 155 -16.89 -18.82 9.70
C TYR D 155 -18.02 -19.09 8.71
N GLU D 156 -17.69 -19.53 7.50
CA GLU D 156 -18.70 -19.78 6.49
C GLU D 156 -19.23 -21.20 6.52
N ALA D 157 -18.52 -22.10 7.20
CA ALA D 157 -18.92 -23.50 7.27
C ALA D 157 -20.31 -23.64 7.87
N LYS D 158 -21.02 -24.68 7.44
CA LYS D 158 -22.40 -24.86 7.90
C LYS D 158 -22.46 -25.51 9.28
N GLN D 159 -21.53 -26.40 9.58
CA GLN D 159 -21.52 -27.08 10.86
C GLN D 159 -20.09 -27.27 11.32
N GLY D 160 -19.93 -27.52 12.62
CA GLY D 160 -18.65 -27.84 13.17
C GLY D 160 -18.25 -29.27 12.88
N ILE D 161 -17.07 -29.64 13.36
CA ILE D 161 -16.55 -30.99 13.24
C ILE D 161 -16.31 -31.51 14.66
N ILE D 162 -16.99 -32.60 15.01
CA ILE D 162 -16.89 -33.15 16.35
C ILE D 162 -15.46 -33.65 16.59
N GLN D 163 -14.95 -33.44 17.79
CA GLN D 163 -13.57 -33.76 18.11
C GLN D 163 -13.47 -35.00 19.00
N THR D 164 -12.41 -35.77 18.78
CA THR D 164 -12.15 -36.93 19.62
C THR D 164 -11.66 -36.49 21.00
N ASP D 165 -11.75 -37.41 21.95
CA ASP D 165 -11.47 -37.05 23.34
C ASP D 165 -9.99 -36.73 23.56
N GLU D 166 -9.10 -37.31 22.76
CA GLU D 166 -7.69 -36.98 22.82
C GLU D 166 -7.44 -35.50 22.49
N THR D 167 -8.19 -34.94 21.52
CA THR D 167 -7.85 -33.64 20.96
C THR D 167 -8.26 -32.49 21.86
N CYS D 168 -9.27 -32.65 22.71
CA CYS D 168 -9.76 -31.51 23.46
C CYS D 168 -10.15 -31.89 24.87
N ALA D 169 -10.81 -33.04 25.00
CA ALA D 169 -11.43 -33.38 26.27
C ALA D 169 -10.38 -33.74 27.32
N ALA D 170 -9.30 -34.41 26.90
CA ALA D 170 -8.28 -34.84 27.85
C ALA D 170 -7.71 -33.65 28.61
N CYS D 171 -7.24 -32.62 27.89
CA CYS D 171 -6.65 -31.46 28.55
C CYS D 171 -7.67 -30.71 29.39
N HIS D 172 -8.88 -30.52 28.86
CA HIS D 172 -9.91 -29.77 29.59
C HIS D 172 -10.28 -30.48 30.88
N LYS D 173 -10.54 -31.78 30.79
CA LYS D 173 -10.93 -32.53 31.98
C LYS D 173 -9.80 -32.59 33.00
N GLU D 174 -8.55 -32.62 32.52
CA GLU D 174 -7.41 -32.75 33.42
C GLU D 174 -7.18 -31.50 34.26
N HIS D 175 -7.40 -30.32 33.67
CA HIS D 175 -6.95 -29.08 34.30
C HIS D 175 -8.04 -28.06 34.55
N ALA D 176 -9.22 -28.20 33.96
CA ALA D 176 -10.25 -27.20 34.19
C ALA D 176 -10.79 -27.32 35.59
N ALA D 177 -11.05 -26.18 36.22
CA ALA D 177 -11.49 -26.15 37.61
C ALA D 177 -12.82 -26.85 37.81
N HIS D 178 -13.80 -26.61 36.92
CA HIS D 178 -15.17 -27.03 37.18
C HIS D 178 -15.80 -27.65 35.95
N ASP D 179 -16.11 -28.96 36.03
CA ASP D 179 -16.90 -29.67 35.01
C ASP D 179 -16.36 -29.41 33.60
N MET D 180 -15.04 -29.41 33.47
CA MET D 180 -14.30 -29.32 32.22
C MET D 180 -14.32 -27.93 31.60
N VAL D 181 -14.84 -26.92 32.29
CA VAL D 181 -14.77 -25.52 31.87
C VAL D 181 -13.72 -24.83 32.72
N PHE D 182 -12.76 -24.18 32.08
CA PHE D 182 -11.66 -23.53 32.79
C PHE D 182 -12.12 -22.31 33.57
N THR D 183 -13.06 -22.50 34.51
CA THR D 183 -13.67 -21.40 35.25
C THR D 183 -12.67 -20.58 36.07
N GLN D 184 -11.45 -21.07 36.29
CA GLN D 184 -10.46 -20.22 36.95
C GLN D 184 -10.11 -19.01 36.10
N PHE D 185 -10.53 -19.01 34.83
CA PHE D 185 -10.25 -17.92 33.91
C PHE D 185 -11.52 -17.18 33.50
N TYR D 186 -12.66 -17.49 34.13
CA TYR D 186 -13.93 -16.87 33.80
C TYR D 186 -14.48 -16.20 35.04
N PRO D 187 -13.94 -15.04 35.41
CA PRO D 187 -14.44 -14.36 36.63
C PRO D 187 -15.91 -14.04 36.57
N VAL D 188 -16.47 -13.84 35.38
CA VAL D 188 -17.91 -13.59 35.28
C VAL D 188 -18.69 -14.78 35.81
N LEU D 189 -18.24 -15.99 35.48
CA LEU D 189 -18.89 -17.19 35.96
C LEU D 189 -18.76 -17.32 37.48
N ARG D 190 -17.53 -17.18 38.00
CA ARG D 190 -17.29 -17.38 39.44
C ARG D 190 -18.03 -16.34 40.27
N ALA D 191 -18.04 -15.08 39.83
CA ALA D 191 -18.85 -14.08 40.50
C ALA D 191 -20.34 -14.29 40.29
N GLY D 192 -20.72 -15.14 39.32
CA GLY D 192 -22.11 -15.43 39.07
C GLY D 192 -22.71 -16.62 39.79
N LYS D 193 -21.90 -17.48 40.41
CA LYS D 193 -22.45 -18.59 41.19
C LYS D 193 -23.21 -18.04 42.39
N PRO D 194 -24.34 -18.67 42.78
CA PRO D 194 -25.05 -18.31 44.01
C PRO D 194 -24.45 -18.93 45.27
#